data_5GG8
#
_entry.id   5GG8
#
_cell.length_a   42.050
_cell.length_b   84.810
_cell.length_c   43.520
_cell.angle_alpha   90.00
_cell.angle_beta   93.61
_cell.angle_gamma   90.00
#
_symmetry.space_group_name_H-M   'P 1 21 1'
#
loop_
_entity.id
_entity.type
_entity.pdbx_description
1 polymer 'Hydrolase, NUDIX family protein'
2 non-polymer "8-OXO-2'-DEOXYGUANOSINE-5'-TRIPHOSPHATE"
3 non-polymer "8-OXO-2'-DEOXY-GUANOSINE-5'-MONOPHOSPHATE"
4 non-polymer 'PYROPHOSPHATE 2-'
5 non-polymer 'MAGNESIUM ION'
6 water water
#
_entity_poly.entity_id   1
_entity_poly.type   'polypeptide(L)'
_entity_poly.pdbx_seq_one_letter_code
;MGSSHHHHHHSSGLVPRGSHMMPVDDLQEIPLSKDTTEKSKHTVRAAGAVLWRDASEHGGTTGHPATVEVAVIHRPRYDD
WSLPKGKLDQGETEPVAAAREIHEETGHTAVLGRRLGRVTYPIPQGTKRVWYWAAKSTGGDFSPNDEVDKLVWLPVDAAM
DQLQYPDDRKVLRRFVKRPVDTKTVLVVRHGTAGRRSRYKGDDRKRPLDKRGRAQAEALVAQLMAFGATTLYAADRVRCH
QTIEPLAQELDQLIHNEPLLTEEAYAADHKAARKRLLEIAGRPGNPVICTQGKVIPGLIEWWCERAKVRPETTGNRKGST
WVLSLSDGELVGADYLSPPDEK
;
_entity_poly.pdbx_strand_id   A
#
loop_
_chem_comp.id
_chem_comp.type
_chem_comp.name
_chem_comp.formula
8DG non-polymer 8-OXO-2'-DEOXYGUANOSINE-5'-TRIPHOSPHATE 'C10 H16 N5 O14 P3'
8OG DNA linking 8-OXO-2'-DEOXY-GUANOSINE-5'-MONOPHOSPHATE 'C10 H14 N5 O8 P'
MG non-polymer 'MAGNESIUM ION' 'Mg 2'
POP non-polymer 'PYROPHOSPHATE 2-' 'H2 O7 P2 -2'
#
# COMPACT_ATOMS: atom_id res chain seq x y z
N LYS A 41 5.80 23.81 -10.64
CA LYS A 41 4.59 23.61 -9.77
C LYS A 41 3.54 22.61 -10.34
N HIS A 42 3.69 22.22 -11.61
CA HIS A 42 3.11 20.97 -12.11
C HIS A 42 3.94 19.81 -11.50
N THR A 43 3.26 18.75 -11.08
CA THR A 43 3.94 17.65 -10.44
C THR A 43 3.90 16.46 -11.35
N VAL A 44 5.08 15.93 -11.68
CA VAL A 44 5.10 14.66 -12.36
C VAL A 44 5.15 13.54 -11.30
N ARG A 45 4.08 12.74 -11.23
CA ARG A 45 4.00 11.71 -10.22
C ARG A 45 4.63 10.42 -10.65
N ALA A 46 5.46 9.86 -9.76
CA ALA A 46 6.19 8.60 -9.98
C ALA A 46 6.23 7.79 -8.69
N ALA A 47 6.57 6.53 -8.83
CA ALA A 47 6.79 5.59 -7.75
C ALA A 47 7.86 4.61 -8.07
N GLY A 48 8.46 4.07 -7.01
CA GLY A 48 9.39 2.98 -7.16
C GLY A 48 9.68 2.32 -5.83
N ALA A 49 10.83 1.69 -5.76
CA ALA A 49 11.08 0.78 -4.67
C ALA A 49 12.53 0.48 -4.34
N VAL A 50 12.74 0.11 -3.09
CA VAL A 50 13.91 -0.68 -2.66
C VAL A 50 13.52 -2.16 -2.77
N LEU A 51 13.95 -2.74 -3.85
CA LEU A 51 13.63 -4.12 -4.16
C LEU A 51 14.74 -4.94 -3.47
N TRP A 52 14.32 -5.93 -2.71
CA TRP A 52 15.22 -6.73 -1.91
C TRP A 52 14.92 -8.21 -1.97
N ARG A 53 15.94 -8.98 -1.55
CA ARG A 53 15.89 -10.43 -1.40
C ARG A 53 16.88 -10.85 -0.30
N ASP A 54 16.68 -12.05 0.26
CA ASP A 54 17.52 -12.62 1.33
C ASP A 54 18.92 -12.91 0.79
N ALA A 55 19.99 -12.70 1.55
CA ALA A 55 21.28 -13.31 1.19
C ALA A 55 21.49 -14.59 2.00
N PRO A 65 18.26 -7.42 7.09
CA PRO A 65 18.55 -6.00 7.33
C PRO A 65 20.02 -5.66 7.15
N ALA A 66 20.90 -6.50 7.70
CA ALA A 66 22.30 -6.60 7.27
C ALA A 66 22.51 -7.93 6.55
N THR A 67 21.44 -8.72 6.44
CA THR A 67 21.46 -9.98 5.70
C THR A 67 21.15 -9.74 4.23
N VAL A 68 20.25 -8.79 4.02
CA VAL A 68 19.48 -8.66 2.81
C VAL A 68 20.26 -8.00 1.64
N GLU A 69 19.88 -8.28 0.39
CA GLU A 69 20.52 -7.66 -0.75
C GLU A 69 19.49 -6.73 -1.43
N VAL A 70 19.94 -5.57 -1.90
CA VAL A 70 19.07 -4.66 -2.62
C VAL A 70 19.52 -4.40 -4.02
N ALA A 71 18.56 -4.06 -4.87
CA ALA A 71 18.80 -3.87 -6.27
C ALA A 71 19.11 -2.40 -6.56
N VAL A 72 20.19 -2.17 -7.30
CA VAL A 72 20.56 -0.84 -7.82
C VAL A 72 20.77 -0.96 -9.29
N ILE A 73 20.14 -0.05 -10.05
CA ILE A 73 20.22 -0.04 -11.45
C ILE A 73 21.02 1.06 -12.10
N HIS A 74 21.57 0.71 -13.25
CA HIS A 74 22.21 1.67 -14.09
C HIS A 74 21.47 1.98 -15.36
N ARG A 75 21.40 3.24 -15.65
CA ARG A 75 20.75 3.79 -16.87
C ARG A 75 21.78 4.51 -17.75
N PRO A 76 21.98 4.01 -18.99
CA PRO A 76 22.89 4.62 -19.96
C PRO A 76 22.58 6.05 -20.26
N ARG A 77 21.30 6.41 -20.33
CA ARG A 77 20.98 7.73 -20.80
C ARG A 77 21.49 8.84 -19.87
N TYR A 78 21.56 8.54 -18.57
CA TYR A 78 22.05 9.47 -17.56
C TYR A 78 23.39 9.04 -17.00
N ASP A 79 23.84 7.86 -17.39
CA ASP A 79 24.92 7.20 -16.67
C ASP A 79 24.79 7.33 -15.14
N ASP A 80 23.61 7.03 -14.59
CA ASP A 80 23.38 7.01 -13.17
C ASP A 80 23.11 5.62 -12.56
N TRP A 81 23.35 5.54 -11.25
CA TRP A 81 22.99 4.43 -10.45
C TRP A 81 21.95 4.94 -9.50
N SER A 82 20.82 4.24 -9.47
CA SER A 82 19.61 4.70 -8.74
C SER A 82 18.69 3.51 -8.42
N LEU A 83 17.57 3.83 -7.77
CA LEU A 83 16.54 2.88 -7.51
C LEU A 83 15.49 2.77 -8.61
N PRO A 84 14.99 1.56 -8.80
CA PRO A 84 13.96 1.45 -9.83
C PRO A 84 12.69 2.21 -9.56
N LYS A 85 12.21 2.89 -10.60
CA LYS A 85 11.05 3.73 -10.44
C LYS A 85 10.60 4.25 -11.78
N GLY A 86 9.36 4.69 -11.79
CA GLY A 86 8.85 5.43 -12.95
C GLY A 86 7.54 6.16 -12.78
N LYS A 87 7.18 6.87 -13.84
CA LYS A 87 5.94 7.70 -13.89
C LYS A 87 4.66 6.89 -13.87
N LEU A 88 3.67 7.40 -13.12
CA LEU A 88 2.36 6.80 -13.10
C LEU A 88 1.68 6.92 -14.44
N ASP A 89 1.15 5.84 -14.97
CA ASP A 89 0.31 5.95 -16.15
C ASP A 89 -1.06 6.48 -15.75
N GLN A 90 -1.78 6.97 -16.76
CA GLN A 90 -3.17 7.37 -16.58
C GLN A 90 -3.89 6.29 -15.85
N GLY A 91 -4.63 6.63 -14.81
CA GLY A 91 -5.43 5.64 -14.13
C GLY A 91 -4.66 4.83 -13.05
N GLU A 92 -3.36 5.06 -12.88
CA GLU A 92 -2.55 4.16 -12.01
C GLU A 92 -2.38 4.83 -10.68
N THR A 93 -2.36 4.05 -9.62
CA THR A 93 -1.96 4.54 -8.29
C THR A 93 -0.47 4.30 -8.10
N GLU A 94 0.11 4.98 -7.12
CA GLU A 94 1.54 4.82 -6.85
C GLU A 94 1.97 3.36 -6.59
N PRO A 95 1.22 2.59 -5.83
CA PRO A 95 1.64 1.17 -5.62
C PRO A 95 1.62 0.35 -6.87
N VAL A 96 0.61 0.58 -7.70
CA VAL A 96 0.48 -0.16 -8.91
C VAL A 96 1.59 0.21 -9.88
N ALA A 97 1.94 1.50 -9.96
CA ALA A 97 3.08 1.93 -10.73
C ALA A 97 4.44 1.44 -10.19
N ALA A 98 4.66 1.50 -8.88
CA ALA A 98 5.87 0.86 -8.29
C ALA A 98 6.09 -0.62 -8.74
N ALA A 99 5.07 -1.43 -8.59
CA ALA A 99 5.19 -2.85 -8.97
C ALA A 99 5.46 -3.00 -10.44
N ARG A 100 4.81 -2.16 -11.26
CA ARG A 100 4.97 -2.27 -12.69
C ARG A 100 6.37 -1.85 -13.09
N GLU A 101 6.84 -0.75 -12.52
CA GLU A 101 8.12 -0.24 -12.85
C GLU A 101 9.28 -1.14 -12.37
N ILE A 102 9.14 -1.71 -11.20
CA ILE A 102 10.08 -2.76 -10.72
C ILE A 102 10.19 -3.88 -11.75
N HIS A 103 9.05 -4.41 -12.11
CA HIS A 103 9.03 -5.46 -13.13
C HIS A 103 9.63 -5.04 -14.45
N GLU A 104 9.23 -3.89 -15.01
CA GLU A 104 9.78 -3.42 -16.30
C GLU A 104 11.28 -3.14 -16.24
N GLU A 105 11.75 -2.59 -15.12
CA GLU A 105 13.17 -2.19 -15.03
C GLU A 105 14.13 -3.29 -14.56
N THR A 106 13.65 -4.21 -13.73
CA THR A 106 14.52 -5.28 -13.16
C THR A 106 14.18 -6.74 -13.59
N GLY A 107 13.04 -6.93 -14.23
CA GLY A 107 12.53 -8.27 -14.50
C GLY A 107 11.82 -8.98 -13.37
N HIS A 108 11.75 -8.38 -12.19
CA HIS A 108 11.25 -9.05 -11.04
C HIS A 108 9.83 -8.70 -10.72
N THR A 109 9.02 -9.70 -10.39
CA THR A 109 7.76 -9.50 -9.65
C THR A 109 8.13 -9.28 -8.22
N ALA A 110 7.20 -8.79 -7.40
CA ALA A 110 7.53 -8.45 -6.06
C ALA A 110 6.24 -8.20 -5.29
N VAL A 111 6.35 -8.15 -3.99
CA VAL A 111 5.20 -7.83 -3.08
C VAL A 111 5.63 -6.57 -2.33
N LEU A 112 4.80 -5.55 -2.41
CA LEU A 112 5.10 -4.33 -1.70
C LEU A 112 4.78 -4.42 -0.24
N GLY A 113 5.59 -3.79 0.62
CA GLY A 113 5.28 -3.69 2.05
C GLY A 113 5.18 -2.27 2.54
N ARG A 114 6.08 -1.90 3.45
CA ARG A 114 6.18 -0.58 4.03
C ARG A 114 6.53 0.46 3.01
N ARG A 115 5.83 1.55 3.15
CA ARG A 115 6.17 2.76 2.39
C ARG A 115 7.39 3.42 3.09
N LEU A 116 8.28 3.95 2.27
CA LEU A 116 9.59 4.51 2.68
C LEU A 116 9.74 6.04 2.44
N GLY A 117 8.63 6.74 2.43
CA GLY A 117 8.60 8.19 2.17
C GLY A 117 8.62 8.67 0.73
N ARG A 118 8.73 9.98 0.62
CA ARG A 118 8.56 10.68 -0.62
C ARG A 118 9.80 11.50 -0.92
N VAL A 119 10.21 11.53 -2.18
CA VAL A 119 11.27 12.45 -2.63
C VAL A 119 10.74 13.40 -3.74
N THR A 120 11.22 14.63 -3.72
CA THR A 120 10.84 15.63 -4.77
C THR A 120 12.10 16.28 -5.41
N TYR A 121 12.08 16.54 -6.70
CA TYR A 121 13.21 17.32 -7.31
C TYR A 121 12.77 18.04 -8.53
N PRO A 122 13.47 19.13 -8.93
CA PRO A 122 12.96 19.88 -10.09
C PRO A 122 13.25 19.24 -11.45
N ILE A 123 12.28 19.30 -12.32
CA ILE A 123 12.48 18.88 -13.68
C ILE A 123 11.85 19.99 -14.56
N PRO A 124 12.23 20.00 -15.83
CA PRO A 124 11.69 20.98 -16.76
C PRO A 124 10.16 21.10 -16.72
N GLN A 125 9.44 19.99 -16.57
CA GLN A 125 7.98 20.06 -16.45
C GLN A 125 7.49 20.58 -15.08
N GLY A 126 8.41 20.93 -14.19
CA GLY A 126 8.05 21.42 -12.85
C GLY A 126 8.75 20.64 -11.73
N THR A 127 8.03 19.70 -11.12
CA THR A 127 8.60 18.97 -9.96
C THR A 127 8.32 17.49 -10.13
N LYS A 128 9.36 16.71 -9.88
CA LYS A 128 9.26 15.21 -9.95
C LYS A 128 9.00 14.72 -8.55
N ARG A 129 7.94 13.92 -8.38
CA ARG A 129 7.58 13.42 -7.06
C ARG A 129 7.61 11.96 -7.05
N VAL A 130 8.36 11.35 -6.12
CA VAL A 130 8.45 9.87 -6.07
C VAL A 130 8.18 9.36 -4.69
N TRP A 131 7.11 8.55 -4.60
CA TRP A 131 6.94 7.66 -3.48
C TRP A 131 7.65 6.32 -3.66
N TYR A 132 8.27 5.84 -2.57
CA TYR A 132 9.06 4.64 -2.57
C TYR A 132 8.49 3.64 -1.57
N TRP A 133 8.48 2.38 -1.97
CA TRP A 133 8.12 1.21 -1.14
C TRP A 133 9.28 0.25 -0.94
N ALA A 134 9.24 -0.42 0.21
CA ALA A 134 9.93 -1.71 0.33
C ALA A 134 9.22 -2.77 -0.48
N ALA A 135 9.94 -3.46 -1.35
CA ALA A 135 9.38 -4.51 -2.20
C ALA A 135 10.21 -5.79 -2.15
N LYS A 136 9.63 -6.87 -1.67
CA LYS A 136 10.33 -8.18 -1.65
C LYS A 136 10.24 -8.87 -3.00
N SER A 137 11.38 -9.23 -3.61
CA SER A 137 11.34 -9.97 -4.86
C SER A 137 10.60 -11.27 -4.76
N THR A 138 9.74 -11.57 -5.73
CA THR A 138 9.10 -12.89 -5.84
C THR A 138 9.61 -13.59 -7.11
N GLY A 139 10.79 -13.22 -7.58
CA GLY A 139 11.41 -13.90 -8.72
C GLY A 139 11.51 -13.10 -10.01
N GLY A 140 12.39 -13.55 -10.90
CA GLY A 140 12.58 -12.90 -12.16
C GLY A 140 14.06 -12.90 -12.55
N ASP A 141 14.36 -12.45 -13.76
CA ASP A 141 15.76 -12.33 -14.18
C ASP A 141 15.93 -11.06 -14.99
N PHE A 142 16.96 -10.31 -14.63
CA PHE A 142 17.24 -9.07 -15.28
C PHE A 142 17.82 -9.38 -16.65
N SER A 143 17.43 -8.64 -17.69
CA SER A 143 18.19 -8.64 -18.94
C SER A 143 18.54 -7.21 -19.38
N PRO A 144 19.86 -6.92 -19.53
CA PRO A 144 20.35 -5.62 -19.93
C PRO A 144 19.60 -5.13 -21.13
N ASN A 145 19.42 -3.83 -21.22
CA ASN A 145 18.84 -3.23 -22.41
C ASN A 145 19.27 -1.77 -22.49
N ASP A 146 18.71 -1.01 -23.42
CA ASP A 146 19.05 0.41 -23.64
C ASP A 146 18.55 1.35 -22.56
N GLU A 147 17.53 0.93 -21.81
CA GLU A 147 16.92 1.74 -20.74
C GLU A 147 17.63 1.51 -19.42
N VAL A 148 17.82 0.25 -19.06
CA VAL A 148 18.56 -0.14 -17.87
C VAL A 148 19.53 -1.21 -18.34
N ASP A 149 20.84 -0.94 -18.27
CA ASP A 149 21.85 -1.87 -18.80
C ASP A 149 22.58 -2.72 -17.73
N LYS A 150 22.41 -2.41 -16.44
CA LYS A 150 23.02 -3.16 -15.37
C LYS A 150 22.11 -3.13 -14.14
N LEU A 151 22.11 -4.23 -13.42
CA LEU A 151 21.47 -4.34 -12.13
C LEU A 151 22.44 -5.10 -11.23
N VAL A 152 22.74 -4.54 -10.08
CA VAL A 152 23.62 -5.22 -9.15
C VAL A 152 22.82 -5.38 -7.89
N TRP A 153 22.99 -6.53 -7.24
CA TRP A 153 22.40 -6.79 -5.96
C TRP A 153 23.49 -6.57 -4.94
N LEU A 154 23.21 -5.77 -3.92
CA LEU A 154 24.25 -5.32 -2.98
C LEU A 154 23.71 -5.36 -1.63
N PRO A 155 24.54 -5.68 -0.62
CA PRO A 155 24.07 -5.41 0.71
C PRO A 155 23.95 -3.92 0.91
N VAL A 156 23.17 -3.53 1.91
CA VAL A 156 22.79 -2.15 2.14
C VAL A 156 23.98 -1.26 2.17
N ASP A 157 24.97 -1.73 2.90
CA ASP A 157 26.28 -1.12 2.94
C ASP A 157 26.81 -0.58 1.68
N ALA A 158 27.00 -1.51 0.76
CA ALA A 158 27.64 -1.20 -0.48
C ALA A 158 26.61 -0.52 -1.40
N ALA A 159 25.33 -0.80 -1.20
CA ALA A 159 24.29 -0.10 -1.99
C ALA A 159 24.31 1.38 -1.62
N MET A 160 24.47 1.70 -0.35
CA MET A 160 24.65 3.11 0.07
C MET A 160 25.75 3.85 -0.72
N ASP A 161 26.85 3.17 -0.94
CA ASP A 161 27.98 3.77 -1.71
C ASP A 161 27.76 3.78 -3.18
N GLN A 162 26.97 2.84 -3.70
CA GLN A 162 26.70 2.80 -5.13
C GLN A 162 25.68 3.85 -5.58
N LEU A 163 24.70 4.13 -4.73
CA LEU A 163 23.62 5.09 -5.07
C LEU A 163 24.19 6.51 -5.12
N GLN A 164 24.12 7.15 -6.26
CA GLN A 164 24.67 8.49 -6.39
C GLN A 164 23.79 9.64 -5.89
N TYR A 165 22.47 9.46 -5.79
CA TYR A 165 21.59 10.57 -5.39
C TYR A 165 21.37 10.59 -3.87
N PRO A 166 21.63 11.73 -3.21
CA PRO A 166 21.33 11.90 -1.80
C PRO A 166 19.94 11.41 -1.38
N ASP A 167 18.94 11.69 -2.19
CA ASP A 167 17.55 11.30 -1.84
C ASP A 167 17.37 9.78 -1.90
N ASP A 168 18.03 9.07 -2.82
CA ASP A 168 17.98 7.60 -2.80
C ASP A 168 18.65 7.05 -1.53
N ARG A 169 19.71 7.70 -1.05
CA ARG A 169 20.39 7.16 0.14
C ARG A 169 19.47 7.37 1.32
N LYS A 170 18.75 8.49 1.30
CA LYS A 170 17.76 8.77 2.36
C LYS A 170 16.66 7.71 2.44
N VAL A 171 16.10 7.36 1.29
CA VAL A 171 15.17 6.22 1.20
C VAL A 171 15.78 4.87 1.78
N LEU A 172 16.98 4.52 1.38
CA LEU A 172 17.65 3.30 1.86
C LEU A 172 17.91 3.38 3.34
N ARG A 173 18.26 4.56 3.86
CA ARG A 173 18.30 4.74 5.32
C ARG A 173 16.96 4.43 5.98
N ARG A 174 15.87 4.90 5.38
CA ARG A 174 14.53 4.56 5.92
C ARG A 174 14.28 3.06 5.90
N PHE A 175 14.69 2.43 4.81
CA PHE A 175 14.46 1.02 4.60
C PHE A 175 15.11 0.18 5.70
N VAL A 176 16.32 0.54 6.09
CA VAL A 176 16.99 -0.25 7.14
C VAL A 176 16.50 0.15 8.52
N LYS A 177 15.83 1.27 8.66
CA LYS A 177 15.39 1.73 9.98
C LYS A 177 14.45 0.71 10.70
N ARG A 178 13.71 -0.06 9.93
CA ARG A 178 12.74 -0.96 10.50
C ARG A 178 12.80 -2.26 9.75
N PRO A 179 12.20 -3.31 10.31
CA PRO A 179 12.14 -4.59 9.60
C PRO A 179 11.47 -4.52 8.23
N VAL A 180 11.88 -5.36 7.29
CA VAL A 180 11.23 -5.32 5.96
C VAL A 180 10.48 -6.60 5.59
N ASP A 181 10.74 -7.68 6.31
CA ASP A 181 10.04 -8.92 6.01
C ASP A 181 8.74 -8.90 6.82
N THR A 182 7.74 -8.18 6.31
CA THR A 182 6.55 -7.89 7.05
C THR A 182 5.36 -8.56 6.44
N LYS A 183 4.32 -8.68 7.23
CA LYS A 183 3.04 -9.04 6.68
C LYS A 183 2.15 -7.80 6.77
N THR A 184 1.02 -7.87 6.12
CA THR A 184 0.30 -6.64 5.80
C THR A 184 -1.19 -6.76 6.05
N VAL A 185 -1.72 -5.84 6.84
CA VAL A 185 -3.15 -5.68 7.00
C VAL A 185 -3.60 -4.41 6.24
N LEU A 186 -4.58 -4.59 5.38
CA LEU A 186 -5.15 -3.48 4.53
C LEU A 186 -6.52 -3.09 5.03
N VAL A 187 -6.62 -1.92 5.62
CA VAL A 187 -7.88 -1.40 6.05
C VAL A 187 -8.40 -0.38 5.03
N VAL A 188 -9.52 -0.71 4.45
CA VAL A 188 -10.17 0.07 3.36
C VAL A 188 -11.49 0.67 3.82
N ARG A 189 -11.64 1.99 3.67
CA ARG A 189 -12.92 2.64 3.73
C ARG A 189 -13.66 2.39 2.39
N HIS A 190 -14.91 1.92 2.50
CA HIS A 190 -15.72 1.61 1.35
C HIS A 190 -15.80 2.81 0.37
N GLY A 191 -15.96 2.51 -0.90
CA GLY A 191 -16.25 3.52 -1.87
C GLY A 191 -17.47 4.39 -1.77
N THR A 192 -17.49 5.41 -2.63
CA THR A 192 -18.58 6.33 -2.68
C THR A 192 -19.94 5.60 -2.90
N ALA A 193 -20.92 5.99 -2.08
CA ALA A 193 -22.21 5.32 -2.05
C ALA A 193 -23.34 6.33 -1.83
N GLY A 194 -23.27 7.47 -2.52
CA GLY A 194 -24.27 8.50 -2.37
C GLY A 194 -24.25 9.07 -0.97
N ARG A 195 -25.41 9.54 -0.54
CA ARG A 195 -25.51 10.38 0.64
C ARG A 195 -26.38 9.65 1.63
N ARG A 196 -26.10 9.74 2.91
CA ARG A 196 -27.02 9.19 3.90
C ARG A 196 -28.42 9.66 3.75
N SER A 197 -29.36 8.76 4.05
CA SER A 197 -30.77 9.15 4.07
C SER A 197 -31.05 9.87 5.39
N ARG A 198 -32.27 10.40 5.46
CA ARG A 198 -32.78 11.14 6.64
C ARG A 198 -33.07 10.26 7.86
N TYR A 199 -32.98 8.95 7.70
CA TYR A 199 -33.31 8.02 8.77
C TYR A 199 -32.16 7.86 9.73
N LYS A 200 -32.53 7.37 10.91
CA LYS A 200 -31.57 6.97 11.93
C LYS A 200 -30.80 5.74 11.41
N GLY A 201 -29.63 5.51 11.98
CA GLY A 201 -28.73 4.50 11.49
C GLY A 201 -28.06 4.94 10.19
N ASP A 202 -27.40 3.97 9.56
CA ASP A 202 -26.53 4.28 8.43
C ASP A 202 -26.95 3.73 7.05
N ASP A 203 -28.16 3.21 6.94
CA ASP A 203 -28.67 2.64 5.68
C ASP A 203 -27.92 1.37 5.30
N ARG A 204 -28.31 0.28 5.93
CA ARG A 204 -27.57 -0.97 5.80
C ARG A 204 -27.35 -1.38 4.34
N LYS A 205 -28.32 -1.12 3.46
CA LYS A 205 -28.33 -1.71 2.11
C LYS A 205 -27.88 -0.76 1.04
N ARG A 206 -27.59 0.50 1.40
CA ARG A 206 -27.31 1.53 0.47
C ARG A 206 -26.08 1.05 -0.33
N PRO A 207 -26.21 1.06 -1.65
CA PRO A 207 -25.13 0.49 -2.48
C PRO A 207 -24.09 1.54 -2.94
N LEU A 208 -22.94 1.06 -3.44
CA LEU A 208 -21.96 1.94 -4.09
C LEU A 208 -22.64 2.64 -5.23
N ASP A 209 -22.24 3.87 -5.48
CA ASP A 209 -22.72 4.59 -6.64
C ASP A 209 -21.77 4.27 -7.80
N LYS A 210 -21.95 4.92 -8.96
CA LYS A 210 -21.14 4.60 -10.16
C LYS A 210 -19.63 4.81 -9.94
N ARG A 211 -19.30 5.91 -9.32
CA ARG A 211 -17.90 6.22 -9.00
C ARG A 211 -17.35 5.21 -8.03
N GLY A 212 -18.16 4.87 -7.04
CA GLY A 212 -17.74 3.83 -6.06
C GLY A 212 -17.50 2.48 -6.66
N ARG A 213 -18.35 2.04 -7.61
CA ARG A 213 -18.17 0.78 -8.28
C ARG A 213 -16.82 0.84 -9.05
N ALA A 214 -16.51 1.99 -9.62
CA ALA A 214 -15.21 2.19 -10.30
C ALA A 214 -13.99 2.17 -9.35
N GLN A 215 -14.15 2.72 -8.15
CA GLN A 215 -13.13 2.60 -7.09
C GLN A 215 -12.93 1.17 -6.68
N ALA A 216 -14.01 0.40 -6.60
CA ALA A 216 -13.92 -1.00 -6.27
C ALA A 216 -13.06 -1.73 -7.29
N GLU A 217 -13.33 -1.46 -8.53
CA GLU A 217 -12.57 -2.12 -9.63
C GLU A 217 -11.10 -1.73 -9.58
N ALA A 218 -10.83 -0.45 -9.41
CA ALA A 218 -9.46 0.06 -9.30
C ALA A 218 -8.67 -0.43 -8.08
N LEU A 219 -9.40 -0.72 -7.00
CA LEU A 219 -8.76 -1.26 -5.82
C LEU A 219 -8.22 -2.68 -5.96
N VAL A 220 -8.75 -3.47 -6.89
CA VAL A 220 -8.14 -4.79 -7.12
C VAL A 220 -6.59 -4.70 -7.35
N ALA A 221 -6.15 -3.89 -8.28
CA ALA A 221 -4.70 -3.87 -8.57
C ALA A 221 -3.93 -3.21 -7.39
N GLN A 222 -4.58 -2.27 -6.73
CA GLN A 222 -3.95 -1.59 -5.60
C GLN A 222 -3.68 -2.62 -4.47
N LEU A 223 -4.69 -3.39 -4.12
CA LEU A 223 -4.56 -4.32 -3.02
C LEU A 223 -3.70 -5.55 -3.35
N MET A 224 -3.78 -5.99 -4.61
N MET A 224 -3.76 -5.99 -4.60
CA MET A 224 -2.92 -7.07 -5.09
CA MET A 224 -2.89 -7.07 -5.04
C MET A 224 -1.44 -6.69 -5.04
C MET A 224 -1.43 -6.70 -5.06
N ALA A 225 -1.13 -5.41 -5.19
CA ALA A 225 0.26 -4.98 -5.15
C ALA A 225 0.94 -5.37 -3.84
N PHE A 226 0.18 -5.39 -2.74
CA PHE A 226 0.64 -5.77 -1.39
C PHE A 226 0.41 -7.26 -1.02
N GLY A 227 -0.01 -8.06 -1.99
CA GLY A 227 -0.23 -9.47 -1.81
C GLY A 227 -1.41 -9.81 -0.92
N ALA A 228 -2.53 -9.10 -1.09
CA ALA A 228 -3.76 -9.41 -0.31
C ALA A 228 -4.16 -10.86 -0.60
N THR A 229 -4.59 -11.56 0.45
CA THR A 229 -4.98 -12.99 0.31
C THR A 229 -6.37 -13.33 0.86
N THR A 230 -6.82 -12.59 1.87
CA THR A 230 -8.08 -12.87 2.55
C THR A 230 -8.91 -11.62 2.79
N LEU A 231 -10.23 -11.79 2.83
CA LEU A 231 -11.16 -10.66 2.68
C LEU A 231 -12.22 -10.65 3.76
N TYR A 232 -12.42 -9.46 4.28
CA TYR A 232 -13.30 -9.14 5.39
C TYR A 232 -13.97 -7.80 5.14
N ALA A 233 -15.28 -7.73 5.45
CA ALA A 233 -16.06 -6.51 5.29
C ALA A 233 -17.06 -6.39 6.41
N ALA A 234 -17.19 -5.17 6.93
CA ALA A 234 -18.25 -4.83 7.87
C ALA A 234 -19.61 -5.22 7.26
N ASP A 235 -20.61 -5.44 8.14
CA ASP A 235 -21.90 -5.95 7.75
C ASP A 235 -22.79 -4.88 7.16
N ARG A 236 -22.31 -4.31 6.08
CA ARG A 236 -23.02 -3.32 5.25
C ARG A 236 -22.82 -3.60 3.80
N VAL A 237 -23.83 -3.38 2.97
CA VAL A 237 -23.69 -3.74 1.57
C VAL A 237 -22.57 -2.98 0.81
N ARG A 238 -22.46 -1.70 1.08
CA ARG A 238 -21.41 -0.89 0.48
C ARG A 238 -19.98 -1.33 0.81
N CYS A 239 -19.76 -1.96 2.00
CA CYS A 239 -18.47 -2.49 2.38
C CYS A 239 -18.15 -3.74 1.56
N HIS A 240 -19.08 -4.69 1.53
CA HIS A 240 -18.92 -5.87 0.61
C HIS A 240 -18.70 -5.51 -0.87
N GLN A 241 -19.53 -4.65 -1.41
CA GLN A 241 -19.39 -4.29 -2.80
C GLN A 241 -18.05 -3.69 -3.13
N THR A 242 -17.41 -3.03 -2.15
CA THR A 242 -16.05 -2.50 -2.38
C THR A 242 -15.01 -3.54 -2.68
N ILE A 243 -15.12 -4.69 -2.00
CA ILE A 243 -14.12 -5.71 -2.12
C ILE A 243 -14.60 -6.91 -2.97
N GLU A 244 -15.79 -6.81 -3.52
CA GLU A 244 -16.29 -7.84 -4.46
C GLU A 244 -15.45 -7.99 -5.73
N PRO A 245 -15.03 -6.89 -6.38
CA PRO A 245 -14.14 -7.21 -7.50
C PRO A 245 -12.90 -7.98 -7.09
N LEU A 246 -12.32 -7.65 -5.94
CA LEU A 246 -11.17 -8.38 -5.47
C LEU A 246 -11.52 -9.85 -5.12
N ALA A 247 -12.67 -10.06 -4.49
CA ALA A 247 -13.17 -11.41 -4.22
C ALA A 247 -13.21 -12.29 -5.49
N GLN A 248 -13.71 -11.73 -6.59
CA GLN A 248 -13.83 -12.42 -7.87
C GLN A 248 -12.45 -12.74 -8.39
N GLU A 249 -11.58 -11.75 -8.33
CA GLU A 249 -10.21 -11.94 -8.76
C GLU A 249 -9.46 -13.03 -7.97
N LEU A 250 -9.62 -13.07 -6.66
CA LEU A 250 -8.93 -14.06 -5.84
C LEU A 250 -9.69 -15.38 -5.83
N ASP A 251 -10.85 -15.40 -6.48
CA ASP A 251 -11.89 -16.41 -6.23
C ASP A 251 -12.01 -16.75 -4.74
N GLN A 252 -12.22 -15.73 -3.89
CA GLN A 252 -12.26 -15.89 -2.42
C GLN A 252 -13.56 -15.40 -1.83
N LEU A 253 -13.96 -15.93 -0.69
CA LEU A 253 -15.20 -15.46 -0.07
C LEU A 253 -14.86 -14.33 0.86
N ILE A 254 -15.81 -13.43 1.07
CA ILE A 254 -15.57 -12.32 1.98
C ILE A 254 -16.22 -12.64 3.32
N HIS A 255 -15.44 -12.70 4.39
N HIS A 255 -15.44 -12.63 4.40
CA HIS A 255 -15.99 -12.81 5.74
CA HIS A 255 -15.95 -12.85 5.76
C HIS A 255 -16.80 -11.53 6.09
C HIS A 255 -16.63 -11.60 6.40
N ASN A 256 -17.90 -11.75 6.79
CA ASN A 256 -18.74 -10.66 7.27
C ASN A 256 -18.43 -10.33 8.72
N GLU A 257 -18.45 -9.02 9.05
CA GLU A 257 -17.92 -8.51 10.29
C GLU A 257 -18.90 -7.57 10.96
N PRO A 258 -19.83 -8.15 11.69
CA PRO A 258 -20.83 -7.34 12.39
C PRO A 258 -20.24 -6.45 13.42
N LEU A 259 -19.14 -6.89 14.00
CA LEU A 259 -18.48 -6.14 15.05
C LEU A 259 -17.78 -4.84 14.61
N LEU A 260 -17.58 -4.71 13.30
CA LEU A 260 -16.84 -3.56 12.70
C LEU A 260 -17.71 -2.50 12.02
N THR A 261 -19.02 -2.53 12.22
CA THR A 261 -19.87 -1.50 11.65
C THR A 261 -19.81 -0.29 12.60
N GLU A 262 -20.29 0.84 12.12
CA GLU A 262 -20.19 2.05 12.85
C GLU A 262 -21.09 1.93 14.13
N GLU A 263 -22.27 1.32 13.97
CA GLU A 263 -23.22 1.14 15.09
C GLU A 263 -22.52 0.30 16.17
N ALA A 264 -21.93 -0.84 15.79
CA ALA A 264 -21.22 -1.73 16.75
C ALA A 264 -19.97 -1.14 17.39
N TYR A 265 -19.11 -0.53 16.58
CA TYR A 265 -17.98 0.26 17.10
C TYR A 265 -18.36 1.30 18.15
N ALA A 266 -19.48 1.96 17.94
CA ALA A 266 -19.96 2.98 18.89
C ALA A 266 -20.60 2.41 20.15
N ALA A 267 -21.06 1.16 20.10
CA ALA A 267 -21.69 0.50 21.25
C ALA A 267 -20.66 -0.28 22.01
N ASP A 268 -19.62 -0.74 21.32
CA ASP A 268 -18.62 -1.61 21.94
C ASP A 268 -17.31 -1.53 21.18
N HIS A 269 -16.59 -0.44 21.42
CA HIS A 269 -15.36 -0.20 20.68
C HIS A 269 -14.30 -1.20 21.03
N LYS A 270 -14.31 -1.70 22.27
CA LYS A 270 -13.29 -2.69 22.68
C LYS A 270 -13.38 -4.02 21.93
N ALA A 271 -14.58 -4.43 21.60
CA ALA A 271 -14.80 -5.67 20.86
C ALA A 271 -14.36 -5.53 19.38
N ALA A 272 -14.58 -4.36 18.82
CA ALA A 272 -14.03 -4.03 17.49
C ALA A 272 -12.51 -4.12 17.48
N ARG A 273 -11.86 -3.48 18.45
CA ARG A 273 -10.42 -3.56 18.56
C ARG A 273 -9.91 -4.98 18.66
N LYS A 274 -10.53 -5.74 19.56
CA LYS A 274 -10.21 -7.16 19.75
C LYS A 274 -10.31 -7.93 18.46
N ARG A 275 -11.39 -7.69 17.74
CA ARG A 275 -11.62 -8.40 16.48
C ARG A 275 -10.57 -8.11 15.38
N LEU A 276 -10.14 -6.86 15.34
CA LEU A 276 -9.14 -6.39 14.39
C LEU A 276 -7.85 -7.15 14.62
N LEU A 277 -7.43 -7.21 15.88
CA LEU A 277 -6.20 -7.95 16.21
C LEU A 277 -6.36 -9.44 15.93
N GLU A 278 -7.53 -9.96 16.26
CA GLU A 278 -7.87 -11.36 15.93
C GLU A 278 -7.66 -11.66 14.46
N ILE A 279 -8.21 -10.81 13.58
CA ILE A 279 -8.03 -10.97 12.14
C ILE A 279 -6.55 -10.75 11.74
N ALA A 280 -5.91 -9.72 12.29
CA ALA A 280 -4.50 -9.43 11.94
C ALA A 280 -3.63 -10.64 12.24
N GLY A 281 -3.95 -11.33 13.35
CA GLY A 281 -3.17 -12.50 13.79
C GLY A 281 -3.25 -13.73 12.88
N ARG A 282 -4.38 -13.93 12.23
CA ARG A 282 -4.50 -15.01 11.29
C ARG A 282 -3.44 -14.95 10.22
N PRO A 283 -3.14 -16.10 9.57
CA PRO A 283 -2.14 -16.12 8.50
C PRO A 283 -2.66 -15.54 7.18
N GLY A 284 -1.78 -14.92 6.42
CA GLY A 284 -2.19 -14.24 5.19
C GLY A 284 -2.17 -12.73 5.40
N ASN A 285 -2.59 -12.02 4.37
CA ASN A 285 -2.60 -10.54 4.37
C ASN A 285 -4.06 -10.12 4.17
N PRO A 286 -4.78 -9.79 5.26
CA PRO A 286 -6.18 -9.48 5.15
C PRO A 286 -6.50 -8.07 4.63
N VAL A 287 -7.54 -7.99 3.84
CA VAL A 287 -8.24 -6.74 3.53
C VAL A 287 -9.47 -6.68 4.44
N ILE A 288 -9.56 -5.58 5.15
CA ILE A 288 -10.75 -5.34 6.00
C ILE A 288 -11.43 -4.04 5.56
N CYS A 289 -12.59 -4.15 4.94
CA CYS A 289 -13.33 -2.97 4.47
C CYS A 289 -14.40 -2.55 5.48
N THR A 290 -14.36 -1.29 5.85
CA THR A 290 -15.29 -0.76 6.87
C THR A 290 -15.63 0.73 6.62
N GLN A 291 -16.12 1.46 7.64
CA GLN A 291 -16.74 2.75 7.49
C GLN A 291 -15.94 3.86 8.16
N GLY A 292 -16.33 5.08 7.81
CA GLY A 292 -15.54 6.27 8.21
C GLY A 292 -15.47 6.59 9.69
N LYS A 293 -16.47 6.16 10.49
CA LYS A 293 -16.41 6.48 11.93
C LYS A 293 -15.60 5.44 12.64
N VAL A 294 -15.27 4.36 11.95
CA VAL A 294 -14.59 3.24 12.57
C VAL A 294 -13.06 3.33 12.39
N ILE A 295 -12.64 3.69 11.19
CA ILE A 295 -11.26 3.54 10.84
C ILE A 295 -10.32 4.46 11.64
N PRO A 296 -10.59 5.75 11.68
CA PRO A 296 -9.61 6.63 12.32
C PRO A 296 -9.32 6.23 13.76
N GLY A 297 -10.38 5.91 14.50
CA GLY A 297 -10.27 5.40 15.88
C GLY A 297 -9.44 4.14 16.00
N LEU A 298 -9.70 3.15 15.16
CA LEU A 298 -8.88 1.94 15.21
C LEU A 298 -7.41 2.20 14.82
N ILE A 299 -7.20 3.05 13.83
CA ILE A 299 -5.82 3.29 13.33
C ILE A 299 -5.03 4.09 14.38
N GLU A 300 -5.67 5.09 14.96
CA GLU A 300 -5.01 5.91 15.99
C GLU A 300 -4.70 5.05 17.19
N TRP A 301 -5.65 4.25 17.61
CA TRP A 301 -5.46 3.35 18.74
C TRP A 301 -4.26 2.45 18.52
N TRP A 302 -4.23 1.75 17.39
CA TRP A 302 -3.08 0.89 17.09
C TRP A 302 -1.75 1.64 16.95
N CYS A 303 -1.74 2.78 16.27
CA CYS A 303 -0.51 3.58 16.15
C CYS A 303 0.01 4.08 17.51
N GLU A 304 -0.88 4.51 18.39
CA GLU A 304 -0.45 4.99 19.70
C GLU A 304 0.13 3.86 20.53
N ARG A 305 -0.62 2.78 20.65
CA ARG A 305 -0.12 1.67 21.46
C ARG A 305 1.20 1.13 20.92
N ALA A 306 1.49 1.29 19.63
CA ALA A 306 2.73 0.70 19.06
C ALA A 306 3.80 1.69 18.81
N LYS A 307 3.59 2.94 19.18
CA LYS A 307 4.48 4.06 18.85
C LYS A 307 4.85 4.13 17.37
N VAL A 308 3.83 4.07 16.50
CA VAL A 308 4.04 4.20 15.04
C VAL A 308 3.44 5.53 14.57
N ARG A 309 4.23 6.27 13.82
CA ARG A 309 3.84 7.55 13.33
C ARG A 309 3.48 7.46 11.86
N PRO A 310 2.21 7.68 11.50
CA PRO A 310 1.91 7.69 10.07
C PRO A 310 2.48 8.91 9.35
N GLU A 311 3.10 8.74 8.19
CA GLU A 311 3.57 9.91 7.46
C GLU A 311 2.47 10.72 6.78
N THR A 312 1.39 10.06 6.37
CA THR A 312 0.24 10.75 5.82
C THR A 312 -1.02 10.39 6.63
N THR A 313 -2.04 11.21 6.54
CA THR A 313 -3.34 10.81 7.22
C THR A 313 -4.52 11.36 6.45
N GLY A 314 -5.56 10.56 6.39
CA GLY A 314 -6.80 10.96 5.80
C GLY A 314 -7.79 9.84 6.13
N ASN A 315 -8.94 9.90 5.51
CA ASN A 315 -10.03 8.94 5.78
C ASN A 315 -11.02 8.95 4.60
N ARG A 316 -10.53 9.10 3.38
CA ARG A 316 -11.46 9.27 2.25
C ARG A 316 -12.08 7.90 1.91
N LYS A 317 -13.25 7.94 1.30
CA LYS A 317 -13.97 6.77 0.80
C LYS A 317 -13.12 6.23 -0.33
N GLY A 318 -12.80 4.94 -0.26
CA GLY A 318 -11.90 4.29 -1.24
C GLY A 318 -10.44 4.28 -0.86
N SER A 319 -10.07 4.88 0.29
CA SER A 319 -8.73 4.92 0.81
C SER A 319 -8.37 3.63 1.46
N THR A 320 -7.07 3.43 1.64
CA THR A 320 -6.49 2.22 2.17
C THR A 320 -5.39 2.63 3.17
N TRP A 321 -5.38 1.96 4.32
CA TRP A 321 -4.25 2.01 5.26
C TRP A 321 -3.54 0.70 5.12
N VAL A 322 -2.25 0.75 4.80
CA VAL A 322 -1.38 -0.36 4.76
C VAL A 322 -0.64 -0.45 6.10
N LEU A 323 -0.97 -1.50 6.83
CA LEU A 323 -0.45 -1.72 8.20
C LEU A 323 0.53 -2.88 8.11
N SER A 324 1.81 -2.57 8.32
CA SER A 324 2.89 -3.50 8.21
C SER A 324 3.23 -4.01 9.61
N LEU A 325 3.31 -5.33 9.71
CA LEU A 325 3.56 -6.04 10.96
C LEU A 325 4.84 -6.86 10.85
N SER A 326 5.63 -6.83 11.92
CA SER A 326 6.78 -7.70 12.08
C SER A 326 6.59 -8.40 13.42
N ASP A 327 6.44 -9.72 13.35
CA ASP A 327 6.26 -10.56 14.53
C ASP A 327 5.16 -10.03 15.39
N GLY A 328 4.04 -9.70 14.76
CA GLY A 328 2.86 -9.17 15.43
C GLY A 328 2.94 -7.73 15.91
N GLU A 329 4.11 -7.07 15.81
CA GLU A 329 4.18 -5.65 16.16
C GLU A 329 3.92 -4.78 14.89
N LEU A 330 3.08 -3.76 15.02
CA LEU A 330 2.92 -2.75 13.95
C LEU A 330 4.22 -1.98 13.79
N VAL A 331 4.77 -1.98 12.57
CA VAL A 331 5.92 -1.15 12.23
C VAL A 331 5.70 -0.04 11.16
N GLY A 332 4.52 0.03 10.56
CA GLY A 332 4.21 1.10 9.61
C GLY A 332 2.71 1.24 9.44
N ALA A 333 2.26 2.48 9.24
CA ALA A 333 0.88 2.75 8.96
C ALA A 333 0.86 3.77 7.84
N ASP A 334 0.56 3.30 6.62
CA ASP A 334 0.67 4.08 5.41
C ASP A 334 -0.70 4.34 4.81
N TYR A 335 -1.15 5.61 4.85
CA TYR A 335 -2.42 6.00 4.26
C TYR A 335 -2.27 6.27 2.75
N LEU A 336 -3.03 5.54 1.95
CA LEU A 336 -3.07 5.69 0.53
C LEU A 336 -4.37 6.33 0.14
N SER A 337 -4.30 7.35 -0.69
N SER A 337 -4.29 7.36 -0.68
CA SER A 337 -5.51 8.02 -1.16
CA SER A 337 -5.49 8.04 -1.18
C SER A 337 -6.44 7.11 -1.96
C SER A 337 -6.44 7.10 -1.93
N PRO A 338 -7.73 7.47 -2.07
CA PRO A 338 -8.60 6.74 -3.03
C PRO A 338 -7.89 6.57 -4.43
N PRO A 339 -8.21 5.50 -5.18
CA PRO A 339 -7.46 5.25 -6.45
C PRO A 339 -7.73 6.29 -7.53
N ASP A 340 -8.79 7.04 -7.36
CA ASP A 340 -9.18 8.11 -8.36
C ASP A 340 -8.91 9.52 -7.84
N GLU A 341 -8.02 9.65 -6.85
CA GLU A 341 -7.66 10.95 -6.35
C GLU A 341 -6.14 11.05 -6.28
N LYS A 342 -5.53 12.15 -6.71
CA LYS A 342 -4.09 12.47 -6.36
C LYS A 342 -3.53 11.77 -5.13
PG 8DG B . 11.57 7.95 -14.78
O1G 8DG B . 12.20 6.70 -14.14
O2G 8DG B . 10.93 8.98 -13.86
O3G 8DG B . 10.70 7.54 -15.89
O3B 8DG B . 12.81 8.57 -15.56
PB 8DG B . 12.86 10.01 -16.31
O1B 8DG B . 14.05 9.95 -17.27
O2B 8DG B . 11.55 10.44 -16.91
O3A 8DG B . 13.27 11.01 -15.17
PA 8DG B . 14.22 10.92 -13.86
O1A 8DG B . 14.73 9.57 -13.41
O2A 8DG B . 13.52 11.70 -12.77
O5' 8DG B . 15.54 11.75 -14.18
C5' 8DG B . 15.52 13.08 -14.76
C4' 8DG B . 16.74 13.80 -14.21
O4' 8DG B . 16.66 13.86 -12.77
C3' 8DG B . 18.05 13.07 -14.48
O3' 8DG B . 19.02 14.05 -14.86
C2' 8DG B . 18.54 12.47 -13.18
C1' 8DG B . 17.94 13.50 -12.22
N9 8DG B . 17.71 13.10 -10.85
C8 8DG B . 17.74 13.95 -9.81
N7 8DG B . 17.47 13.44 -8.61
C5 8DG B . 17.19 12.15 -8.86
C6 8DG B . 16.81 11.00 -8.04
O6 8DG B . 16.66 11.09 -6.81
N1 8DG B . 16.62 9.83 -8.63
C2 8DG B . 16.76 9.68 -9.94
N2 8DG B . 16.54 8.46 -10.44
N3 8DG B . 17.09 10.70 -10.78
C4 8DG B . 17.33 11.93 -10.31
O8 8DG B . 18.04 15.17 -9.98
OP3 8OG C . 30.08 3.39 -12.99
P 8OG C . 31.56 3.70 -12.60
OP1 8OG C . 32.37 2.50 -12.09
OP2 8OG C . 32.32 4.50 -13.66
O5' 8OG C . 31.55 4.63 -11.24
C5' 8OG C . 30.70 4.27 -10.12
C4' 8OG C . 30.70 5.19 -8.87
O4' 8OG C . 30.57 6.62 -9.04
C3' 8OG C . 29.50 4.86 -7.98
O3' 8OG C . 29.94 4.89 -6.61
C2' 8OG C . 28.44 5.96 -8.14
C1' 8OG C . 29.35 7.16 -8.41
N9 8OG C . 28.86 8.25 -9.32
C8 8OG C . 28.64 9.55 -9.11
N7 8OG C . 28.24 10.28 -10.20
C5 8OG C . 28.24 9.38 -11.21
C6 8OG C . 27.95 9.34 -12.69
O6 8OG C . 27.58 10.32 -13.35
N1 8OG C . 28.08 8.17 -13.33
C2 8OG C . 28.45 7.00 -12.71
N2 8OG C . 28.55 5.85 -13.40
N3 8OG C . 28.71 6.95 -11.39
C4 8OG C . 28.64 8.06 -10.63
O8 8OG C . 28.76 10.09 -7.93
P1 POP D . -19.56 5.61 6.02
O1 POP D . -18.07 5.68 5.88
O2 POP D . -20.19 4.21 5.62
O3 POP D . -20.18 6.30 7.28
O POP D . -20.04 6.67 4.89
P2 POP D . -21.38 6.93 4.07
O4 POP D . -22.49 6.65 5.12
O5 POP D . -21.54 6.09 2.86
O6 POP D . -21.31 8.40 3.70
MG MG E . 12.42 4.75 -14.59
#